data_5DH2
#
_entry.id   5DH2
#
_cell.length_a   106.632
_cell.length_b   107.102
_cell.length_c   136.287
_cell.angle_alpha   90.00
_cell.angle_beta   90.00
_cell.angle_gamma   90.00
#
_symmetry.space_group_name_H-M   'I 2 2 2'
#
loop_
_entity.id
_entity.type
_entity.pdbx_description
1 polymer 'siderophore periplasmic binding protein'
2 water water
#
_entity_poly.entity_id   1
_entity_poly.type   'polypeptide(L)'
_entity_poly.pdbx_seq_one_letter_code
;MGSSHHHHHHSSGLVPRGSHMASMTGGQQMGRGSTVEIPADPQRIVALEFGTEVVLEAGIEPVGVIEPVATLYTAEEFEQ
LSTYPVVQSASLEINMEAIAEAQPDLIIGGVRVESHDEYVGIREDLEKIAPTVFFDFDGAGSGLRNMTLELSRVVGDGER
AEAEQQRFEERVEEISTAYADQLADTTFALVFGVDGEFAVVNTNAWGGEILHTLGAKQSKAQQPAGENFAAFYSYEEIDE
LSDADVIFYETDAQENPDPFTEALLEQKLWQSLPAVEAGQVHPLRYSAARTYAQANIVLDQIEEVLKGL
;
_entity_poly.pdbx_strand_id   A,B
#
# COMPACT_ATOMS: atom_id res chain seq x y z
N HIS A 7 -6.63 -12.10 8.96
CA HIS A 7 -5.70 -11.46 8.03
C HIS A 7 -5.24 -10.09 8.55
N HIS A 8 -4.15 -9.59 7.99
CA HIS A 8 -3.58 -8.33 8.45
C HIS A 8 -4.36 -7.13 7.91
N HIS A 9 -4.67 -7.14 6.62
CA HIS A 9 -5.54 -6.10 6.04
C HIS A 9 -6.99 -6.34 6.43
N HIS A 10 -7.72 -5.25 6.68
CA HIS A 10 -9.12 -5.36 7.08
C HIS A 10 -10.06 -4.77 6.04
N ALA A 40 -7.48 -7.37 26.80
CA ALA A 40 -7.54 -6.30 27.79
C ALA A 40 -7.10 -4.95 27.21
N ASP A 41 -7.29 -3.89 27.99
CA ASP A 41 -6.76 -2.57 27.67
C ASP A 41 -5.63 -2.26 28.65
N PRO A 42 -4.44 -1.91 28.14
CA PRO A 42 -3.24 -1.79 28.98
C PRO A 42 -2.87 -0.37 29.43
N GLN A 43 -1.94 -0.28 30.37
CA GLN A 43 -1.30 0.97 30.78
C GLN A 43 0.04 0.68 31.43
N ARG A 44 0.33 -0.61 31.56
CA ARG A 44 1.59 -1.09 32.13
C ARG A 44 2.13 -2.26 31.31
N ILE A 45 2.91 -1.95 30.29
CA ILE A 45 3.31 -2.96 29.31
C ILE A 45 4.79 -3.35 29.39
N VAL A 46 5.04 -4.66 29.31
CA VAL A 46 6.39 -5.19 29.15
C VAL A 46 6.60 -5.50 27.68
N ALA A 47 7.63 -4.91 27.09
CA ALA A 47 7.96 -5.14 25.69
C ALA A 47 9.14 -6.10 25.55
N LEU A 48 8.87 -7.31 25.07
CA LEU A 48 9.91 -8.27 24.75
C LEU A 48 10.46 -7.93 23.37
N GLU A 49 11.05 -8.91 22.69
CA GLU A 49 11.66 -8.62 21.40
C GLU A 49 10.60 -8.18 20.39
N PHE A 50 10.96 -7.20 19.58
CA PHE A 50 10.10 -6.57 18.57
C PHE A 50 8.95 -5.76 19.18
N GLY A 51 8.81 -5.77 20.50
CA GLY A 51 7.77 -5.00 21.16
C GLY A 51 8.22 -3.58 21.45
N THR A 52 9.52 -3.35 21.26
CA THR A 52 10.11 -2.06 21.59
C THR A 52 9.71 -0.99 20.58
N GLU A 53 9.85 -1.32 19.29
CA GLU A 53 9.48 -0.42 18.22
C GLU A 53 8.02 -0.03 18.34
N VAL A 54 7.22 -0.98 18.84
CA VAL A 54 5.78 -0.79 18.96
C VAL A 54 5.41 0.20 20.07
N VAL A 55 5.99 0.05 21.25
CA VAL A 55 5.66 0.95 22.35
C VAL A 55 6.23 2.35 22.10
N LEU A 56 7.39 2.42 21.46
CA LEU A 56 7.99 3.70 21.10
C LEU A 56 7.08 4.49 20.17
N GLU A 57 6.71 3.88 19.06
CA GLU A 57 5.87 4.50 18.05
C GLU A 57 4.52 4.96 18.62
N ALA A 58 4.06 4.28 19.68
CA ALA A 58 2.77 4.58 20.29
C ALA A 58 2.88 5.57 21.45
N GLY A 59 4.09 6.06 21.71
CA GLY A 59 4.30 6.96 22.82
C GLY A 59 4.01 6.34 24.16
N ILE A 60 4.22 5.03 24.28
CA ILE A 60 4.01 4.32 25.54
C ILE A 60 5.33 4.09 26.26
N GLU A 61 5.37 4.39 27.55
CA GLU A 61 6.52 4.05 28.37
C GLU A 61 6.36 2.66 28.97
N PRO A 62 7.20 1.72 28.55
CA PRO A 62 7.13 0.33 29.03
C PRO A 62 7.69 0.21 30.44
N VAL A 63 7.17 -0.73 31.21
CA VAL A 63 7.68 -0.96 32.56
C VAL A 63 8.84 -1.94 32.50
N GLY A 64 8.84 -2.80 31.49
CA GLY A 64 9.91 -3.76 31.28
C GLY A 64 10.23 -3.84 29.80
N VAL A 65 11.52 -3.98 29.48
CA VAL A 65 11.94 -3.94 28.09
C VAL A 65 13.14 -4.87 27.85
N ILE A 66 13.17 -5.50 26.68
CA ILE A 66 14.33 -6.30 26.28
C ILE A 66 15.55 -5.40 26.14
N GLU A 67 16.71 -5.91 26.53
CA GLU A 67 17.98 -5.21 26.47
C GLU A 67 18.18 -4.43 25.16
N PRO A 68 18.27 -3.09 25.29
CA PRO A 68 18.44 -2.16 24.16
C PRO A 68 19.76 -2.32 23.43
N VAL A 69 19.68 -2.62 22.12
CA VAL A 69 20.86 -2.62 21.27
C VAL A 69 20.89 -1.30 20.50
N ALA A 70 21.98 -0.57 20.64
CA ALA A 70 22.03 0.82 20.20
C ALA A 70 21.88 1.00 18.69
N THR A 71 22.31 0.02 17.91
CA THR A 71 22.30 0.17 16.45
C THR A 71 20.88 0.23 15.88
N LEU A 72 19.89 -0.14 16.69
CA LEU A 72 18.50 -0.21 16.23
C LEU A 72 17.72 1.09 16.48
N TYR A 73 18.31 2.01 17.23
CA TYR A 73 17.59 3.18 17.70
C TYR A 73 18.40 4.45 17.58
N THR A 74 17.70 5.58 17.52
CA THR A 74 18.34 6.88 17.52
C THR A 74 19.01 7.12 18.86
N ALA A 75 19.85 8.14 18.93
CA ALA A 75 20.53 8.49 20.17
C ALA A 75 19.52 8.79 21.29
N GLU A 76 18.49 9.55 20.96
CA GLU A 76 17.48 9.90 21.94
C GLU A 76 16.63 8.69 22.36
N GLU A 77 16.27 7.86 21.40
CA GLU A 77 15.52 6.64 21.70
C GLU A 77 16.30 5.75 22.64
N PHE A 78 17.60 5.59 22.36
CA PHE A 78 18.44 4.69 23.15
C PHE A 78 18.67 5.21 24.56
N GLU A 79 18.97 6.50 24.66
CA GLU A 79 19.13 7.16 25.94
C GLU A 79 17.96 6.89 26.86
N GLN A 80 16.78 7.20 26.34
CA GLN A 80 15.51 6.95 27.00
C GLN A 80 15.31 5.48 27.38
N LEU A 81 15.41 4.60 26.39
CA LEU A 81 15.20 3.17 26.60
C LEU A 81 16.10 2.55 27.68
N SER A 82 17.22 3.18 27.99
CA SER A 82 18.14 2.67 29.01
C SER A 82 17.60 2.86 30.43
N THR A 83 16.68 3.81 30.58
CA THR A 83 16.01 4.05 31.85
C THR A 83 15.20 2.84 32.30
N TYR A 84 14.52 2.22 31.34
CA TYR A 84 13.59 1.14 31.63
C TYR A 84 14.30 -0.13 32.09
N PRO A 85 13.69 -0.86 33.03
CA PRO A 85 14.14 -2.16 33.53
C PRO A 85 14.36 -3.17 32.41
N VAL A 86 15.46 -3.93 32.47
CA VAL A 86 15.73 -4.95 31.47
C VAL A 86 15.20 -6.31 31.93
N VAL A 87 14.29 -6.87 31.15
CA VAL A 87 13.63 -8.13 31.50
C VAL A 87 13.96 -9.25 30.52
N GLN A 88 14.64 -8.92 29.43
CA GLN A 88 15.06 -9.93 28.47
C GLN A 88 16.46 -9.62 27.98
N SER A 89 17.27 -10.67 27.81
CA SER A 89 18.64 -10.49 27.34
C SER A 89 18.64 -10.28 25.83
N ALA A 90 19.70 -9.66 25.33
CA ALA A 90 19.87 -9.48 23.90
C ALA A 90 20.02 -10.83 23.20
N SER A 91 20.28 -11.86 23.99
CA SER A 91 20.36 -13.23 23.47
C SER A 91 19.02 -13.93 23.62
N LEU A 92 17.97 -13.15 23.81
CA LEU A 92 16.58 -13.63 23.91
C LEU A 92 16.29 -14.48 25.13
N GLU A 93 17.04 -14.28 26.22
CA GLU A 93 16.78 -15.02 27.45
C GLU A 93 15.88 -14.22 28.38
N ILE A 94 14.74 -14.82 28.76
CA ILE A 94 13.73 -14.10 29.52
C ILE A 94 13.88 -14.27 31.03
N ASN A 95 14.11 -13.15 31.72
CA ASN A 95 14.16 -13.10 33.17
C ASN A 95 12.75 -13.06 33.76
N MET A 96 12.18 -14.22 34.04
CA MET A 96 10.78 -14.34 34.42
C MET A 96 10.41 -13.57 35.68
N GLU A 97 11.38 -13.34 36.56
CA GLU A 97 11.11 -12.67 37.83
C GLU A 97 11.28 -11.16 37.73
N ALA A 98 12.11 -10.70 36.79
CA ALA A 98 12.20 -9.26 36.53
C ALA A 98 10.88 -8.78 35.94
N ILE A 99 10.31 -9.58 35.06
CA ILE A 99 8.99 -9.31 34.50
C ILE A 99 7.95 -9.27 35.61
N ALA A 100 8.05 -10.22 36.54
CA ALA A 100 7.13 -10.33 37.66
C ALA A 100 7.10 -9.04 38.50
N GLU A 101 8.28 -8.51 38.78
CA GLU A 101 8.39 -7.32 39.61
C GLU A 101 7.92 -6.08 38.87
N ALA A 102 8.01 -6.11 37.55
CA ALA A 102 7.56 -4.99 36.72
C ALA A 102 6.05 -4.84 36.84
N GLN A 103 5.39 -5.93 37.23
CA GLN A 103 3.94 -5.98 37.35
C GLN A 103 3.26 -5.50 36.08
N PRO A 104 3.34 -6.30 35.01
CA PRO A 104 2.66 -5.93 33.76
C PRO A 104 1.19 -6.29 33.80
N ASP A 105 0.40 -5.62 32.97
CA ASP A 105 -0.99 -6.03 32.74
C ASP A 105 -1.10 -6.53 31.30
N LEU A 106 -0.03 -6.30 30.53
CA LEU A 106 0.08 -6.82 29.17
C LEU A 106 1.55 -7.03 28.79
N ILE A 107 1.82 -8.18 28.18
CA ILE A 107 3.17 -8.51 27.74
C ILE A 107 3.13 -8.82 26.25
N ILE A 108 3.90 -8.06 25.47
CA ILE A 108 3.88 -8.20 24.02
C ILE A 108 5.27 -8.52 23.46
N GLY A 109 5.27 -9.17 22.30
CA GLY A 109 6.51 -9.48 21.61
C GLY A 109 6.28 -10.30 20.36
N GLY A 110 7.23 -10.25 19.45
CA GLY A 110 7.17 -11.05 18.23
C GLY A 110 8.09 -12.26 18.29
N VAL A 111 7.67 -13.32 17.63
CA VAL A 111 8.41 -14.58 17.65
C VAL A 111 8.68 -15.06 16.22
N ARG A 112 9.94 -15.38 15.93
CA ARG A 112 10.27 -16.00 14.65
C ARG A 112 9.49 -17.31 14.52
N VAL A 113 8.96 -17.57 13.33
CA VAL A 113 8.05 -18.69 13.14
C VAL A 113 8.69 -20.05 13.46
N GLU A 114 10.00 -20.14 13.29
CA GLU A 114 10.71 -21.39 13.53
C GLU A 114 10.67 -21.80 15.00
N SER A 115 10.61 -20.80 15.89
CA SER A 115 10.67 -21.02 17.33
C SER A 115 9.29 -21.08 17.97
N HIS A 116 8.28 -21.52 17.22
CA HIS A 116 6.89 -21.51 17.68
C HIS A 116 6.70 -22.20 19.03
N ASP A 117 6.65 -23.53 19.00
CA ASP A 117 6.28 -24.34 20.18
C ASP A 117 7.07 -23.93 21.42
N GLU A 118 8.36 -23.71 21.25
CA GLU A 118 9.23 -23.25 22.34
C GLU A 118 8.64 -22.03 23.05
N TYR A 119 7.88 -21.21 22.31
CA TYR A 119 7.31 -19.99 22.86
C TYR A 119 5.87 -20.15 23.36
N VAL A 120 5.17 -21.17 22.86
CA VAL A 120 3.87 -21.51 23.45
C VAL A 120 4.09 -21.84 24.90
N GLY A 121 5.15 -22.61 25.15
CA GLY A 121 5.60 -22.90 26.49
C GLY A 121 5.82 -21.62 27.27
N ILE A 122 6.69 -20.75 26.75
CA ILE A 122 7.06 -19.51 27.43
C ILE A 122 5.85 -18.64 27.78
N ARG A 123 4.89 -18.54 26.86
CA ARG A 123 3.70 -17.74 27.09
C ARG A 123 2.94 -18.22 28.33
N GLU A 124 2.93 -19.53 28.55
CA GLU A 124 2.25 -20.11 29.70
C GLU A 124 2.79 -19.53 31.00
N ASP A 125 4.10 -19.68 31.21
CA ASP A 125 4.76 -19.13 32.39
C ASP A 125 4.56 -17.63 32.45
N LEU A 126 4.46 -17.01 31.29
CA LEU A 126 4.24 -15.57 31.18
C LEU A 126 2.81 -15.20 31.48
N GLU A 127 1.86 -15.99 30.98
CA GLU A 127 0.45 -15.73 31.21
C GLU A 127 0.10 -15.77 32.69
N LYS A 128 0.94 -16.41 33.48
CA LYS A 128 0.75 -16.46 34.93
C LYS A 128 1.05 -15.10 35.56
N ILE A 129 1.73 -14.24 34.80
CA ILE A 129 2.12 -12.92 35.29
C ILE A 129 1.16 -11.84 34.81
N ALA A 130 0.73 -11.98 33.56
CA ALA A 130 -0.18 -11.04 32.91
C ALA A 130 -0.60 -11.61 31.56
N PRO A 131 -1.67 -11.05 30.96
CA PRO A 131 -2.00 -11.42 29.58
C PRO A 131 -0.80 -11.27 28.65
N THR A 132 -0.56 -12.28 27.83
CA THR A 132 0.63 -12.31 26.98
C THR A 132 0.28 -12.44 25.50
N VAL A 133 0.80 -11.54 24.69
CA VAL A 133 0.54 -11.57 23.25
C VAL A 133 1.83 -11.77 22.46
N PHE A 134 1.97 -12.97 21.88
CA PHE A 134 3.05 -13.25 20.95
C PHE A 134 2.48 -13.45 19.56
N PHE A 135 3.15 -12.88 18.56
CA PHE A 135 2.79 -13.10 17.17
C PHE A 135 3.96 -13.72 16.43
N ASP A 136 3.67 -14.64 15.52
CA ASP A 136 4.70 -15.22 14.68
C ASP A 136 4.90 -14.38 13.43
N PHE A 137 6.10 -14.44 12.87
CA PHE A 137 6.33 -13.86 11.55
C PHE A 137 7.32 -14.74 10.80
N ASP A 138 7.24 -14.71 9.47
CA ASP A 138 8.06 -15.58 8.65
C ASP A 138 8.88 -14.79 7.64
N GLY A 139 10.13 -15.19 7.48
CA GLY A 139 10.97 -14.59 6.46
C GLY A 139 11.63 -13.30 6.91
N ALA A 140 12.19 -12.58 5.95
CA ALA A 140 12.87 -11.32 6.23
C ALA A 140 12.23 -10.15 5.47
N GLY A 141 11.00 -10.34 5.00
CA GLY A 141 10.32 -9.34 4.20
C GLY A 141 9.12 -8.70 4.86
N SER A 142 7.97 -8.74 4.18
CA SER A 142 6.78 -8.04 4.64
C SER A 142 6.24 -8.62 5.95
N GLY A 143 6.67 -9.84 6.28
CA GLY A 143 6.19 -10.53 7.46
C GLY A 143 6.46 -9.81 8.78
N LEU A 144 7.51 -9.00 8.83
CA LEU A 144 7.91 -8.34 10.06
C LEU A 144 7.06 -7.09 10.34
N ARG A 145 6.95 -6.22 9.35
CA ARG A 145 6.21 -4.97 9.52
C ARG A 145 4.71 -5.25 9.72
N ASN A 146 4.23 -6.37 9.22
CA ASN A 146 2.86 -6.80 9.47
C ASN A 146 2.67 -7.34 10.88
N MET A 147 3.66 -8.08 11.37
CA MET A 147 3.60 -8.62 12.72
C MET A 147 3.50 -7.49 13.74
N THR A 148 4.30 -6.44 13.54
CA THR A 148 4.31 -5.31 14.47
C THR A 148 3.09 -4.41 14.28
N LEU A 149 2.52 -4.42 13.08
CA LEU A 149 1.22 -3.81 12.85
C LEU A 149 0.19 -4.43 13.79
N GLU A 150 0.27 -5.74 13.97
CA GLU A 150 -0.64 -6.44 14.87
C GLU A 150 -0.37 -6.12 16.33
N LEU A 151 0.90 -5.96 16.69
CA LEU A 151 1.23 -5.61 18.07
C LEU A 151 0.81 -4.18 18.39
N SER A 152 0.90 -3.29 17.39
CA SER A 152 0.48 -1.91 17.58
C SER A 152 -1.02 -1.85 17.82
N ARG A 153 -1.77 -2.72 17.15
CA ARG A 153 -3.20 -2.81 17.37
C ARG A 153 -3.52 -3.24 18.80
N VAL A 154 -2.84 -4.31 19.24
CA VAL A 154 -3.04 -4.85 20.58
C VAL A 154 -2.82 -3.81 21.68
N VAL A 155 -1.81 -2.95 21.51
CA VAL A 155 -1.49 -1.96 22.56
C VAL A 155 -2.32 -0.69 22.43
N GLY A 156 -3.27 -0.70 21.50
CA GLY A 156 -4.19 0.41 21.32
C GLY A 156 -3.75 1.48 20.34
N ASP A 157 -2.90 1.13 19.39
CA ASP A 157 -2.33 2.12 18.48
C ASP A 157 -2.56 1.70 17.03
N GLY A 158 -3.66 0.99 16.80
CA GLY A 158 -3.96 0.48 15.48
C GLY A 158 -4.28 1.53 14.44
N GLU A 159 -4.71 2.72 14.87
CA GLU A 159 -5.04 3.78 13.95
C GLU A 159 -3.81 4.25 13.17
N ARG A 160 -2.83 4.79 13.90
CA ARG A 160 -1.58 5.25 13.29
C ARG A 160 -0.87 4.14 12.52
N ALA A 161 -0.91 2.93 13.07
CA ALA A 161 -0.24 1.78 12.46
C ALA A 161 -0.84 1.43 11.10
N GLU A 162 -2.17 1.43 11.02
CA GLU A 162 -2.85 1.17 9.76
C GLU A 162 -2.63 2.32 8.78
N ALA A 163 -2.54 3.54 9.31
CA ALA A 163 -2.22 4.70 8.48
C ALA A 163 -0.89 4.49 7.77
N GLU A 164 0.13 4.12 8.55
CA GLU A 164 1.46 3.86 8.02
C GLU A 164 1.46 2.78 6.95
N GLN A 165 0.71 1.70 7.18
CA GLN A 165 0.61 0.63 6.19
C GLN A 165 0.00 1.12 4.88
N GLN A 166 -1.08 1.91 5.00
CA GLN A 166 -1.76 2.46 3.83
C GLN A 166 -0.85 3.44 3.10
N ARG A 167 -0.11 4.24 3.87
CA ARG A 167 0.82 5.21 3.30
C ARG A 167 1.98 4.56 2.57
N PHE A 168 2.45 3.43 3.10
CA PHE A 168 3.52 2.67 2.45
C PHE A 168 3.04 2.20 1.10
N GLU A 169 1.84 1.63 1.09
CA GLU A 169 1.26 1.07 -0.13
C GLU A 169 0.97 2.12 -1.18
N GLU A 170 0.54 3.30 -0.75
CA GLU A 170 0.27 4.40 -1.66
C GLU A 170 1.56 4.95 -2.26
N ARG A 171 2.59 5.08 -1.42
CA ARG A 171 3.86 5.65 -1.86
C ARG A 171 4.65 4.71 -2.77
N VAL A 172 4.47 3.40 -2.64
CA VAL A 172 5.07 2.47 -3.57
C VAL A 172 4.47 2.70 -4.96
N GLU A 173 3.15 2.67 -5.02
CA GLU A 173 2.38 2.98 -6.22
C GLU A 173 2.79 4.30 -6.83
N GLU A 174 2.90 5.32 -5.98
CA GLU A 174 3.28 6.67 -6.36
C GLU A 174 4.71 6.76 -6.92
N ILE A 175 5.68 6.31 -6.14
CA ILE A 175 7.09 6.35 -6.52
C ILE A 175 7.35 5.51 -7.77
N SER A 176 6.71 4.36 -7.87
CA SER A 176 6.87 3.48 -9.02
C SER A 176 6.50 4.15 -10.34
N THR A 177 5.41 4.90 -10.35
CA THR A 177 4.95 5.55 -11.58
C THR A 177 5.68 6.87 -11.83
N ALA A 178 5.96 7.63 -10.76
CA ALA A 178 6.63 8.92 -10.92
C ALA A 178 8.08 8.79 -11.43
N TYR A 179 8.74 7.69 -11.08
CA TYR A 179 10.12 7.48 -11.51
C TYR A 179 10.23 6.20 -12.34
N ALA A 180 9.18 5.91 -13.10
CA ALA A 180 9.10 4.68 -13.87
C ALA A 180 10.27 4.53 -14.84
N ASP A 181 10.81 5.64 -15.31
CA ASP A 181 11.95 5.62 -16.21
C ASP A 181 13.22 5.20 -15.45
N GLN A 182 13.54 5.93 -14.38
CA GLN A 182 14.72 5.63 -13.57
C GLN A 182 14.70 4.19 -13.08
N LEU A 183 13.54 3.72 -12.66
CA LEU A 183 13.42 2.35 -12.14
C LEU A 183 13.58 1.30 -13.24
N ALA A 184 13.48 1.73 -14.49
CA ALA A 184 13.58 0.79 -15.60
C ALA A 184 15.02 0.66 -16.09
N ASP A 185 15.77 1.74 -15.99
CA ASP A 185 17.10 1.80 -16.58
C ASP A 185 18.21 1.57 -15.54
N THR A 186 17.85 1.67 -14.27
CA THR A 186 18.83 1.58 -13.18
C THR A 186 18.86 0.20 -12.52
N THR A 187 20.07 -0.28 -12.25
CA THR A 187 20.26 -1.50 -11.49
C THR A 187 20.86 -1.20 -10.12
N PHE A 188 20.17 -1.63 -9.07
CA PHE A 188 20.59 -1.34 -7.70
C PHE A 188 21.29 -2.50 -7.04
N ALA A 189 21.96 -2.22 -5.93
CA ALA A 189 22.51 -3.27 -5.07
C ALA A 189 22.55 -2.80 -3.63
N LEU A 190 22.21 -3.70 -2.71
CA LEU A 190 22.37 -3.43 -1.29
C LEU A 190 23.43 -4.35 -0.69
N VAL A 191 24.38 -3.77 0.03
CA VAL A 191 25.45 -4.56 0.60
C VAL A 191 25.63 -4.28 2.09
N PHE A 192 26.10 -5.29 2.82
CA PHE A 192 26.62 -5.06 4.16
C PHE A 192 27.87 -5.91 4.35
N GLY A 193 28.73 -5.50 5.27
CA GLY A 193 29.99 -6.16 5.45
C GLY A 193 30.01 -7.10 6.63
N VAL A 194 30.72 -8.21 6.48
CA VAL A 194 31.01 -9.07 7.61
C VAL A 194 32.53 -9.23 7.74
N ASP A 195 32.96 -10.12 8.62
CA ASP A 195 34.38 -10.30 8.89
C ASP A 195 35.05 -11.04 7.72
N GLY A 196 35.89 -10.33 7.00
CA GLY A 196 36.67 -10.92 5.91
C GLY A 196 35.89 -11.16 4.64
N GLU A 197 34.58 -10.91 4.71
CA GLU A 197 33.68 -11.11 3.59
C GLU A 197 32.63 -10.00 3.58
N PHE A 198 31.85 -9.93 2.52
CA PHE A 198 30.71 -9.01 2.49
C PHE A 198 29.50 -9.73 1.92
N ALA A 199 28.35 -9.09 2.00
CA ALA A 199 27.13 -9.73 1.51
C ALA A 199 26.33 -8.81 0.59
N VAL A 200 25.65 -9.42 -0.37
CA VAL A 200 24.74 -8.70 -1.24
C VAL A 200 23.32 -9.19 -0.98
N VAL A 201 22.45 -8.27 -0.55
CA VAL A 201 21.12 -8.61 -0.05
C VAL A 201 20.17 -9.01 -1.17
N ASN A 202 19.39 -10.06 -0.91
CA ASN A 202 18.49 -10.65 -1.91
C ASN A 202 17.13 -9.92 -2.02
N THR A 203 16.28 -10.39 -2.92
CA THR A 203 14.98 -9.75 -3.19
C THR A 203 13.90 -10.13 -2.20
N ASN A 204 14.22 -11.05 -1.29
CA ASN A 204 13.24 -11.56 -0.33
C ASN A 204 13.54 -11.10 1.09
N ALA A 205 14.40 -10.11 1.22
CA ALA A 205 14.94 -9.75 2.54
C ALA A 205 15.25 -8.26 2.70
N TRP A 206 14.80 -7.71 3.82
CA TRP A 206 15.16 -6.36 4.28
C TRP A 206 15.09 -5.30 3.19
N GLY A 207 16.15 -4.49 3.07
CA GLY A 207 16.17 -3.41 2.10
C GLY A 207 16.03 -3.92 0.67
N GLY A 208 16.46 -5.16 0.44
CA GLY A 208 16.35 -5.78 -0.87
C GLY A 208 14.90 -6.10 -1.22
N GLU A 209 14.14 -6.53 -0.22
CA GLU A 209 12.74 -6.86 -0.40
C GLU A 209 11.97 -5.62 -0.82
N ILE A 210 12.14 -4.55 -0.04
CA ILE A 210 11.50 -3.28 -0.30
C ILE A 210 11.87 -2.74 -1.67
N LEU A 211 13.15 -2.79 -2.01
CA LEU A 211 13.61 -2.39 -3.34
C LEU A 211 12.89 -3.19 -4.43
N HIS A 212 12.70 -4.48 -4.15
CA HIS A 212 12.04 -5.40 -5.09
C HIS A 212 10.53 -5.09 -5.21
N THR A 213 9.91 -4.85 -4.06
CA THR A 213 8.51 -4.51 -3.99
C THR A 213 8.22 -3.24 -4.80
N LEU A 214 9.14 -2.30 -4.72
CA LEU A 214 9.06 -1.05 -5.48
C LEU A 214 9.03 -1.33 -6.98
N GLY A 215 9.82 -2.31 -7.41
CA GLY A 215 9.89 -2.67 -8.82
C GLY A 215 11.28 -2.47 -9.41
N ALA A 216 12.22 -2.07 -8.56
CA ALA A 216 13.58 -1.75 -9.00
C ALA A 216 14.31 -2.97 -9.55
N LYS A 217 15.27 -2.71 -10.43
CA LYS A 217 16.20 -3.74 -10.89
C LYS A 217 17.31 -3.87 -9.87
N GLN A 218 17.76 -5.10 -9.61
CA GLN A 218 18.89 -5.28 -8.71
C GLN A 218 19.98 -6.18 -9.30
N SER A 219 21.20 -5.99 -8.81
CA SER A 219 22.39 -6.64 -9.34
C SER A 219 22.29 -8.15 -9.45
N LYS A 220 23.12 -8.71 -10.34
CA LYS A 220 23.17 -10.16 -10.56
C LYS A 220 23.98 -10.86 -9.49
N ALA A 221 24.55 -10.08 -8.56
CA ALA A 221 25.29 -10.64 -7.44
C ALA A 221 24.34 -11.34 -6.47
N GLN A 222 23.04 -11.12 -6.67
CA GLN A 222 22.01 -11.74 -5.85
C GLN A 222 21.81 -13.22 -6.19
N GLN A 223 22.25 -13.62 -7.37
CA GLN A 223 21.95 -14.95 -7.89
C GLN A 223 22.29 -16.15 -6.99
N PRO A 224 23.53 -16.24 -6.47
CA PRO A 224 23.83 -17.44 -5.67
C PRO A 224 23.09 -17.54 -4.34
N ALA A 225 22.29 -16.53 -4.01
CA ALA A 225 21.53 -16.55 -2.75
C ALA A 225 20.41 -17.57 -2.80
N GLY A 226 19.78 -17.72 -3.97
CA GLY A 226 18.62 -18.59 -4.10
C GLY A 226 17.50 -18.16 -3.18
N GLU A 227 17.16 -19.01 -2.21
CA GLU A 227 16.12 -18.68 -1.24
C GLU A 227 16.70 -18.02 0.01
N ASN A 228 18.02 -17.91 0.07
CA ASN A 228 18.68 -17.27 1.20
C ASN A 228 18.58 -15.75 1.14
N PHE A 229 18.71 -15.11 2.30
CA PHE A 229 18.51 -13.67 2.42
C PHE A 229 19.66 -12.85 1.83
N ALA A 230 20.82 -13.47 1.72
CA ALA A 230 21.99 -12.77 1.19
C ALA A 230 22.94 -13.73 0.50
N ALA A 231 23.73 -13.19 -0.42
CA ALA A 231 24.81 -13.95 -1.04
C ALA A 231 26.14 -13.39 -0.55
N PHE A 232 27.01 -14.26 -0.04
CA PHE A 232 28.30 -13.80 0.52
C PHE A 232 29.44 -13.88 -0.48
N TYR A 233 30.41 -12.98 -0.34
CA TYR A 233 31.56 -12.93 -1.22
C TYR A 233 32.83 -12.56 -0.47
N SER A 234 33.98 -12.89 -1.04
CA SER A 234 35.25 -12.42 -0.51
C SER A 234 35.56 -11.07 -1.14
N TYR A 235 36.54 -10.36 -0.60
CA TYR A 235 36.89 -9.05 -1.12
C TYR A 235 37.47 -9.16 -2.53
N GLU A 236 37.77 -10.38 -2.95
CA GLU A 236 38.31 -10.62 -4.29
C GLU A 236 37.23 -10.50 -5.34
N GLU A 237 36.00 -10.83 -4.97
CA GLU A 237 34.89 -10.89 -5.92
C GLU A 237 34.06 -9.60 -5.91
N ILE A 238 34.69 -8.48 -5.56
CA ILE A 238 34.01 -7.20 -5.55
C ILE A 238 33.54 -6.86 -6.97
N ASP A 239 34.25 -7.39 -7.97
CA ASP A 239 33.91 -7.16 -9.37
C ASP A 239 32.55 -7.72 -9.77
N GLU A 240 31.95 -8.52 -8.89
CA GLU A 240 30.62 -9.07 -9.13
C GLU A 240 29.54 -7.98 -9.09
N LEU A 241 29.94 -6.77 -8.73
CA LEU A 241 29.03 -5.64 -8.60
C LEU A 241 29.27 -4.59 -9.69
N SER A 242 29.73 -5.03 -10.85
CA SER A 242 30.06 -4.11 -11.93
C SER A 242 28.83 -3.63 -12.69
N ASP A 243 27.75 -4.41 -12.64
CA ASP A 243 26.51 -4.05 -13.32
C ASP A 243 25.67 -3.07 -12.50
N ALA A 244 26.07 -2.87 -11.25
CA ALA A 244 25.35 -1.99 -10.35
C ALA A 244 25.61 -0.52 -10.68
N ASP A 245 24.53 0.22 -10.96
CA ASP A 245 24.62 1.64 -11.24
C ASP A 245 24.60 2.43 -9.94
N VAL A 246 23.85 1.92 -8.97
CA VAL A 246 23.74 2.53 -7.65
C VAL A 246 24.00 1.47 -6.59
N ILE A 247 24.63 1.86 -5.48
CA ILE A 247 24.87 0.94 -4.38
C ILE A 247 24.40 1.53 -3.04
N PHE A 248 23.63 0.74 -2.29
CA PHE A 248 23.24 1.11 -0.94
C PHE A 248 24.04 0.28 0.08
N TYR A 249 24.53 0.92 1.13
CA TYR A 249 25.17 0.16 2.20
C TYR A 249 24.45 0.41 3.53
N GLU A 250 24.02 -0.68 4.14
CA GLU A 250 23.33 -0.65 5.42
C GLU A 250 24.09 0.12 6.48
N THR A 251 23.38 0.95 7.22
CA THR A 251 23.94 1.66 8.36
C THR A 251 23.05 1.43 9.58
N ASP A 252 23.43 2.00 10.72
CA ASP A 252 22.59 1.91 11.89
C ASP A 252 21.55 3.05 11.85
N ALA A 253 20.74 3.14 12.89
CA ALA A 253 19.67 4.14 12.94
C ALA A 253 20.21 5.57 12.87
N GLN A 254 21.51 5.73 13.08
CA GLN A 254 22.11 7.06 13.07
C GLN A 254 23.03 7.27 11.86
N GLU A 255 22.76 6.53 10.78
CA GLU A 255 23.49 6.69 9.52
C GLU A 255 24.97 6.31 9.59
N ASN A 256 25.34 5.54 10.61
CA ASN A 256 26.71 5.05 10.73
C ASN A 256 26.86 3.60 10.27
N PRO A 257 27.77 3.36 9.32
CA PRO A 257 28.07 1.97 8.94
C PRO A 257 28.88 1.26 10.02
N ASP A 258 28.69 -0.05 10.18
CA ASP A 258 29.48 -0.83 11.12
C ASP A 258 30.89 -1.00 10.56
N PRO A 259 31.88 -1.28 11.42
CA PRO A 259 33.29 -1.35 10.98
C PRO A 259 33.51 -2.28 9.77
N PHE A 260 32.83 -3.41 9.72
CA PHE A 260 32.98 -4.36 8.62
C PHE A 260 32.50 -3.79 7.30
N THR A 261 31.34 -3.14 7.33
CA THR A 261 30.81 -2.44 6.17
C THR A 261 31.78 -1.34 5.79
N GLU A 262 32.32 -0.68 6.81
CA GLU A 262 33.30 0.37 6.60
C GLU A 262 34.56 -0.19 5.94
N ALA A 263 34.90 -1.43 6.26
CA ALA A 263 36.07 -2.08 5.67
C ALA A 263 35.85 -2.38 4.19
N LEU A 264 34.62 -2.78 3.86
CA LEU A 264 34.28 -3.08 2.47
C LEU A 264 34.47 -1.85 1.57
N LEU A 265 34.03 -0.70 2.07
CA LEU A 265 34.14 0.55 1.31
C LEU A 265 35.59 1.02 1.22
N GLU A 266 36.46 0.42 2.02
CA GLU A 266 37.88 0.79 2.02
C GLU A 266 38.71 -0.04 1.04
N GLN A 267 38.25 -1.25 0.75
CA GLN A 267 38.96 -2.17 -0.15
C GLN A 267 39.33 -1.51 -1.46
N LYS A 268 40.54 -1.78 -1.94
CA LYS A 268 41.07 -1.09 -3.12
C LYS A 268 40.35 -1.48 -4.40
N LEU A 269 39.70 -2.64 -4.40
CA LEU A 269 38.93 -3.06 -5.56
C LEU A 269 37.57 -2.39 -5.56
N TRP A 270 37.19 -1.77 -4.45
CA TRP A 270 35.86 -1.15 -4.35
C TRP A 270 35.76 0.14 -5.16
N GLN A 271 36.77 1.02 -5.07
CA GLN A 271 36.79 2.28 -5.82
C GLN A 271 37.01 1.99 -7.31
N SER A 272 37.02 0.72 -7.68
CA SER A 272 37.07 0.32 -9.10
C SER A 272 35.68 0.22 -9.73
N LEU A 273 34.70 -0.11 -8.90
CA LEU A 273 33.32 -0.29 -9.35
C LEU A 273 32.78 0.96 -10.03
N PRO A 274 31.98 0.77 -11.09
CA PRO A 274 31.31 1.86 -11.80
C PRO A 274 30.51 2.77 -10.87
N ALA A 275 29.66 2.16 -10.05
CA ALA A 275 28.79 2.91 -9.15
C ALA A 275 29.57 3.73 -8.12
N VAL A 276 30.79 3.29 -7.84
CA VAL A 276 31.63 3.97 -6.85
C VAL A 276 32.35 5.16 -7.49
N GLU A 277 32.68 5.04 -8.76
CA GLU A 277 33.33 6.13 -9.48
C GLU A 277 32.30 6.96 -10.25
N ALA A 278 31.02 6.70 -10.01
CA ALA A 278 29.95 7.52 -10.55
C ALA A 278 29.36 8.40 -9.44
N GLY A 279 29.86 8.21 -8.23
CA GLY A 279 29.42 8.97 -7.07
C GLY A 279 28.12 8.46 -6.47
N GLN A 280 27.67 7.30 -6.91
CA GLN A 280 26.37 6.78 -6.50
C GLN A 280 26.46 5.66 -5.48
N VAL A 281 27.08 5.95 -4.34
CA VAL A 281 27.06 5.03 -3.21
C VAL A 281 26.47 5.74 -2.00
N HIS A 282 25.35 5.21 -1.52
CA HIS A 282 24.59 5.88 -0.48
C HIS A 282 24.36 4.96 0.72
N PRO A 283 24.22 5.55 1.91
CA PRO A 283 23.86 4.82 3.13
C PRO A 283 22.36 4.49 3.18
N LEU A 284 21.99 3.35 3.74
CA LEU A 284 20.59 2.99 3.93
C LEU A 284 20.31 2.66 5.39
N ARG A 285 19.46 3.47 6.03
CA ARG A 285 19.02 3.18 7.39
C ARG A 285 17.76 2.32 7.35
N TYR A 286 17.56 1.55 8.42
CA TYR A 286 16.34 0.75 8.60
C TYR A 286 16.11 -0.28 7.50
N SER A 287 17.20 -0.76 6.89
CA SER A 287 17.10 -1.86 5.93
C SER A 287 16.27 -3.01 6.50
N ALA A 288 16.57 -3.39 7.74
CA ALA A 288 15.78 -4.39 8.43
C ALA A 288 14.51 -3.74 9.00
N ALA A 289 13.64 -3.30 8.10
CA ALA A 289 12.46 -2.50 8.45
C ALA A 289 11.50 -3.27 9.36
N ARG A 290 11.45 -2.88 10.62
CA ARG A 290 10.66 -3.62 11.59
C ARG A 290 9.18 -3.24 11.58
N THR A 291 8.89 -2.00 11.19
CA THR A 291 7.53 -1.49 11.14
C THR A 291 7.31 -0.80 9.79
N TYR A 292 6.08 -0.36 9.55
CA TYR A 292 5.76 0.35 8.31
C TYR A 292 6.34 1.76 8.33
N ALA A 293 6.34 2.39 9.51
CA ALA A 293 6.98 3.69 9.65
C ALA A 293 8.42 3.62 9.17
N GLN A 294 9.13 2.58 9.63
CA GLN A 294 10.52 2.37 9.24
C GLN A 294 10.62 2.07 7.75
N ALA A 295 9.72 1.22 7.25
CA ALA A 295 9.73 0.87 5.83
C ALA A 295 9.46 2.10 4.94
N ASN A 296 8.74 3.09 5.48
CA ASN A 296 8.58 4.36 4.77
C ASN A 296 9.87 5.19 4.74
N ILE A 297 10.63 5.17 5.83
CA ILE A 297 11.90 5.88 5.86
C ILE A 297 12.90 5.29 4.85
N VAL A 298 12.81 3.98 4.62
CA VAL A 298 13.57 3.35 3.55
C VAL A 298 13.11 3.89 2.19
N LEU A 299 11.79 3.95 1.98
CA LEU A 299 11.23 4.48 0.73
C LEU A 299 11.66 5.93 0.49
N ASP A 300 11.74 6.72 1.56
CA ASP A 300 12.23 8.10 1.46
C ASP A 300 13.64 8.14 0.90
N GLN A 301 14.51 7.31 1.46
CA GLN A 301 15.91 7.27 1.05
C GLN A 301 16.05 6.84 -0.42
N ILE A 302 15.28 5.83 -0.82
CA ILE A 302 15.27 5.42 -2.21
C ILE A 302 14.74 6.53 -3.13
N GLU A 303 13.69 7.23 -2.69
CA GLU A 303 13.12 8.31 -3.49
C GLU A 303 14.14 9.41 -3.74
N GLU A 304 14.88 9.76 -2.70
CA GLU A 304 15.88 10.81 -2.72
C GLU A 304 16.96 10.51 -3.76
N VAL A 305 17.46 9.28 -3.73
CA VAL A 305 18.46 8.84 -4.69
C VAL A 305 17.86 8.85 -6.10
N LEU A 306 16.62 8.37 -6.21
CA LEU A 306 15.92 8.36 -7.48
C LEU A 306 15.72 9.76 -8.04
N LYS A 307 15.67 10.76 -7.16
CA LYS A 307 15.57 12.15 -7.58
C LYS A 307 16.91 12.65 -8.13
N GLY A 308 17.93 11.82 -8.02
CA GLY A 308 19.14 11.97 -8.80
C GLY A 308 19.01 11.17 -10.09
N LEU A 309 20.11 10.60 -10.54
CA LEU A 309 20.14 9.77 -11.74
C LEU A 309 19.66 10.52 -12.99
N HIS B 6 -36.89 14.33 -6.17
CA HIS B 6 -35.66 14.32 -5.39
C HIS B 6 -35.00 12.96 -5.42
N HIS B 7 -35.07 12.30 -6.58
CA HIS B 7 -34.37 11.05 -6.81
C HIS B 7 -33.35 11.25 -7.92
N HIS B 8 -32.54 10.25 -8.19
CA HIS B 8 -31.48 10.41 -9.18
C HIS B 8 -32.06 10.33 -10.59
N HIS B 9 -32.93 9.35 -10.81
CA HIS B 9 -33.64 9.25 -12.07
C HIS B 9 -34.76 10.26 -12.14
N HIS B 10 -34.95 10.85 -13.32
CA HIS B 10 -36.05 11.77 -13.56
C HIS B 10 -37.00 11.24 -14.63
N SER B 11 -38.28 11.56 -14.50
CA SER B 11 -39.27 11.16 -15.51
C SER B 11 -40.04 12.36 -16.02
N PRO B 42 -22.48 29.07 -13.60
CA PRO B 42 -21.09 29.00 -13.09
C PRO B 42 -20.11 29.31 -14.21
N GLN B 43 -18.93 29.80 -13.87
CA GLN B 43 -17.90 30.16 -14.84
C GLN B 43 -16.51 29.83 -14.34
N ARG B 44 -16.33 29.88 -13.02
CA ARG B 44 -15.03 29.60 -12.41
C ARG B 44 -15.17 28.60 -11.27
N ILE B 45 -14.86 27.34 -11.54
CA ILE B 45 -15.16 26.25 -10.61
C ILE B 45 -13.94 25.71 -9.90
N VAL B 46 -14.03 25.62 -8.58
CA VAL B 46 -13.08 24.86 -7.79
C VAL B 46 -13.62 23.45 -7.63
N ALA B 47 -12.78 22.46 -7.94
CA ALA B 47 -13.19 21.07 -7.89
C ALA B 47 -12.50 20.34 -6.75
N LEU B 48 -13.24 20.13 -5.67
CA LEU B 48 -12.74 19.33 -4.57
C LEU B 48 -12.82 17.87 -4.96
N GLU B 49 -12.79 16.96 -3.99
CA GLU B 49 -12.71 15.55 -4.33
C GLU B 49 -13.95 15.10 -5.10
N PHE B 50 -13.71 14.28 -6.13
CA PHE B 50 -14.74 13.79 -7.05
C PHE B 50 -15.30 14.87 -7.97
N GLY B 51 -14.81 16.10 -7.83
CA GLY B 51 -15.23 17.17 -8.69
C GLY B 51 -14.43 17.18 -9.98
N THR B 52 -13.26 16.57 -9.92
CA THR B 52 -12.33 16.53 -11.05
C THR B 52 -12.90 15.80 -12.26
N GLU B 53 -13.40 14.58 -12.03
CA GLU B 53 -13.96 13.78 -13.10
C GLU B 53 -15.16 14.49 -13.74
N VAL B 54 -15.90 15.23 -12.91
CA VAL B 54 -17.08 15.94 -13.38
C VAL B 54 -16.74 17.09 -14.32
N VAL B 55 -15.73 17.88 -13.98
CA VAL B 55 -15.36 19.02 -14.83
C VAL B 55 -14.60 18.58 -16.06
N LEU B 56 -13.77 17.53 -15.92
CA LEU B 56 -13.05 16.96 -17.06
C LEU B 56 -14.01 16.49 -18.15
N GLU B 57 -15.05 15.77 -17.74
CA GLU B 57 -16.04 15.24 -18.67
C GLU B 57 -16.85 16.37 -19.31
N ALA B 58 -17.00 17.48 -18.58
CA ALA B 58 -17.77 18.62 -19.07
C ALA B 58 -16.90 19.57 -19.88
N GLY B 59 -15.62 19.23 -20.03
CA GLY B 59 -14.72 20.06 -20.80
C GLY B 59 -14.48 21.42 -20.17
N ILE B 60 -14.74 21.51 -18.88
CA ILE B 60 -14.52 22.75 -18.13
C ILE B 60 -13.10 22.78 -17.55
N GLU B 61 -12.52 23.96 -17.47
CA GLU B 61 -11.25 24.14 -16.79
C GLU B 61 -11.46 24.74 -15.42
N PRO B 62 -10.98 24.05 -14.38
CA PRO B 62 -11.14 24.55 -13.00
C PRO B 62 -10.11 25.62 -12.64
N VAL B 63 -10.48 26.48 -11.69
CA VAL B 63 -9.57 27.50 -11.20
C VAL B 63 -8.80 26.98 -9.98
N GLY B 64 -9.24 25.82 -9.48
CA GLY B 64 -8.61 25.16 -8.36
C GLY B 64 -9.05 23.70 -8.35
N VAL B 65 -8.17 22.81 -7.90
CA VAL B 65 -8.46 21.38 -7.97
C VAL B 65 -7.77 20.63 -6.83
N ILE B 66 -8.36 19.52 -6.40
CA ILE B 66 -7.71 18.65 -5.43
C ILE B 66 -6.47 18.07 -6.08
N GLU B 67 -5.44 17.86 -5.27
CA GLU B 67 -4.16 17.32 -5.73
C GLU B 67 -4.34 16.07 -6.58
N PRO B 68 -3.95 16.16 -7.86
CA PRO B 68 -4.08 15.08 -8.84
C PRO B 68 -3.30 13.82 -8.49
N VAL B 69 -4.00 12.68 -8.42
CA VAL B 69 -3.37 11.38 -8.26
C VAL B 69 -3.30 10.71 -9.61
N ALA B 70 -2.09 10.41 -10.07
CA ALA B 70 -1.85 9.98 -11.44
C ALA B 70 -2.65 8.75 -11.85
N THR B 71 -2.86 7.85 -10.91
CA THR B 71 -3.50 6.57 -11.22
C THR B 71 -4.95 6.73 -11.65
N LEU B 72 -5.55 7.87 -11.36
CA LEU B 72 -6.96 8.11 -11.64
C LEU B 72 -7.21 8.67 -13.03
N TYR B 73 -6.13 9.05 -13.72
CA TYR B 73 -6.27 9.79 -14.96
C TYR B 73 -5.33 9.30 -16.04
N THR B 74 -5.70 9.57 -17.29
CA THR B 74 -4.82 9.29 -18.42
C THR B 74 -3.65 10.26 -18.39
N ALA B 75 -2.58 9.90 -19.10
CA ALA B 75 -1.38 10.72 -19.20
C ALA B 75 -1.70 12.16 -19.61
N GLU B 76 -2.52 12.30 -20.64
CA GLU B 76 -2.96 13.61 -21.11
C GLU B 76 -3.68 14.36 -19.99
N GLU B 77 -4.64 13.70 -19.36
CA GLU B 77 -5.42 14.31 -18.28
C GLU B 77 -4.54 14.77 -17.12
N PHE B 78 -3.63 13.91 -16.69
CA PHE B 78 -2.79 14.25 -15.54
C PHE B 78 -1.90 15.46 -15.82
N GLU B 79 -1.27 15.49 -16.99
CA GLU B 79 -0.38 16.60 -17.31
C GLU B 79 -1.20 17.85 -17.55
N GLN B 80 -2.45 17.67 -17.98
CA GLN B 80 -3.36 18.80 -18.03
C GLN B 80 -3.68 19.27 -16.61
N LEU B 81 -4.18 18.35 -15.79
CA LEU B 81 -4.59 18.67 -14.42
C LEU B 81 -3.50 19.37 -13.60
N SER B 82 -2.23 19.10 -13.93
CA SER B 82 -1.13 19.69 -13.18
C SER B 82 -0.97 21.19 -13.48
N THR B 83 -1.64 21.68 -14.51
CA THR B 83 -1.60 23.10 -14.83
C THR B 83 -2.61 23.88 -13.97
N TYR B 84 -3.23 23.20 -13.01
CA TYR B 84 -4.23 23.82 -12.16
C TYR B 84 -3.74 24.00 -10.72
N PRO B 85 -4.11 25.12 -10.10
CA PRO B 85 -3.76 25.39 -8.70
C PRO B 85 -4.34 24.35 -7.75
N VAL B 86 -3.50 23.79 -6.88
CA VAL B 86 -3.96 22.82 -5.90
C VAL B 86 -4.60 23.51 -4.70
N VAL B 87 -5.85 23.16 -4.40
CA VAL B 87 -6.54 23.75 -3.26
C VAL B 87 -7.01 22.71 -2.25
N GLN B 88 -6.63 21.46 -2.46
CA GLN B 88 -6.91 20.39 -1.51
C GLN B 88 -5.82 19.33 -1.59
N SER B 89 -5.38 18.84 -0.45
CA SER B 89 -4.37 17.78 -0.44
C SER B 89 -5.05 16.44 -0.70
N ALA B 90 -4.25 15.45 -1.06
CA ALA B 90 -4.78 14.11 -1.31
C ALA B 90 -5.22 13.47 -0.02
N SER B 91 -4.92 14.13 1.10
CA SER B 91 -5.37 13.69 2.41
C SER B 91 -6.71 14.34 2.75
N LEU B 92 -7.27 15.01 1.75
CA LEU B 92 -8.56 15.70 1.84
C LEU B 92 -8.54 16.96 2.72
N GLU B 93 -7.35 17.36 3.17
CA GLU B 93 -7.21 18.61 3.92
C GLU B 93 -7.36 19.79 2.97
N ILE B 94 -8.26 20.70 3.31
CA ILE B 94 -8.62 21.80 2.42
C ILE B 94 -7.84 23.07 2.76
N ASN B 95 -7.46 23.81 1.71
CA ASN B 95 -6.76 25.08 1.87
C ASN B 95 -7.69 26.23 1.56
N MET B 96 -8.40 26.71 2.58
CA MET B 96 -9.39 27.77 2.42
C MET B 96 -8.79 29.02 1.78
N GLU B 97 -7.54 29.30 2.13
CA GLU B 97 -6.85 30.47 1.62
C GLU B 97 -6.60 30.36 0.11
N ALA B 98 -6.07 29.22 -0.32
CA ALA B 98 -5.77 29.01 -1.73
C ALA B 98 -7.04 29.08 -2.59
N ILE B 99 -8.14 28.57 -2.04
CA ILE B 99 -9.44 28.66 -2.70
C ILE B 99 -9.87 30.11 -2.83
N ALA B 100 -9.64 30.88 -1.77
CA ALA B 100 -10.02 32.28 -1.75
C ALA B 100 -9.27 33.06 -2.84
N GLU B 101 -8.02 32.67 -3.09
CA GLU B 101 -7.24 33.31 -4.13
C GLU B 101 -7.78 32.95 -5.50
N ALA B 102 -8.24 31.70 -5.64
CA ALA B 102 -8.75 31.19 -6.91
C ALA B 102 -9.97 31.95 -7.38
N GLN B 103 -10.69 32.56 -6.43
CA GLN B 103 -11.92 33.31 -6.70
C GLN B 103 -12.94 32.49 -7.49
N PRO B 104 -13.52 31.46 -6.86
CA PRO B 104 -14.55 30.67 -7.53
C PRO B 104 -15.91 31.30 -7.39
N ASP B 105 -16.82 30.96 -8.31
CA ASP B 105 -18.22 31.35 -8.17
C ASP B 105 -19.03 30.11 -7.82
N LEU B 106 -18.35 28.97 -7.83
CA LEU B 106 -18.98 27.70 -7.48
C LEU B 106 -17.91 26.69 -7.05
N ILE B 107 -18.15 26.04 -5.92
CA ILE B 107 -17.26 25.00 -5.42
C ILE B 107 -18.03 23.70 -5.33
N ILE B 108 -17.51 22.64 -5.97
CA ILE B 108 -18.21 21.37 -6.03
C ILE B 108 -17.37 20.22 -5.47
N GLY B 109 -18.04 19.15 -5.09
CA GLY B 109 -17.37 17.93 -4.67
C GLY B 109 -18.30 16.95 -4.02
N GLY B 110 -17.91 15.69 -3.99
CA GLY B 110 -18.67 14.66 -3.30
C GLY B 110 -18.14 14.38 -1.91
N VAL B 111 -19.01 13.85 -1.07
CA VAL B 111 -18.68 13.55 0.32
C VAL B 111 -19.14 12.13 0.65
N ARG B 112 -18.28 11.36 1.30
CA ARG B 112 -18.71 10.08 1.84
C ARG B 112 -19.73 10.36 2.93
N VAL B 113 -20.88 9.70 2.85
CA VAL B 113 -22.01 10.02 3.72
C VAL B 113 -21.65 10.01 5.21
N GLU B 114 -20.66 9.20 5.57
CA GLU B 114 -20.26 9.05 6.97
C GLU B 114 -19.65 10.33 7.53
N SER B 115 -19.06 11.14 6.66
CA SER B 115 -18.43 12.39 7.05
C SER B 115 -19.37 13.59 6.84
N HIS B 116 -20.67 13.33 6.88
CA HIS B 116 -21.64 14.35 6.52
C HIS B 116 -21.65 15.54 7.48
N ASP B 117 -21.88 15.28 8.76
CA ASP B 117 -21.94 16.36 9.75
C ASP B 117 -20.66 17.17 9.74
N GLU B 118 -19.54 16.47 9.60
CA GLU B 118 -18.24 17.11 9.46
C GLU B 118 -18.21 18.13 8.32
N TYR B 119 -18.83 17.78 7.19
CA TYR B 119 -18.78 18.65 6.02
C TYR B 119 -19.86 19.71 6.03
N VAL B 120 -20.76 19.66 7.01
CA VAL B 120 -21.73 20.72 7.19
C VAL B 120 -21.00 22.00 7.57
N GLY B 121 -20.05 21.87 8.49
CA GLY B 121 -19.22 23.00 8.89
C GLY B 121 -18.33 23.46 7.74
N ILE B 122 -17.78 22.50 7.01
CA ILE B 122 -16.90 22.79 5.87
C ILE B 122 -17.65 23.60 4.81
N ARG B 123 -18.90 23.24 4.56
CA ARG B 123 -19.71 23.96 3.57
C ARG B 123 -19.95 25.40 4.03
N GLU B 124 -20.28 25.56 5.31
CA GLU B 124 -20.47 26.88 5.90
C GLU B 124 -19.23 27.75 5.72
N ASP B 125 -18.08 27.18 6.07
CA ASP B 125 -16.80 27.87 5.91
C ASP B 125 -16.54 28.20 4.44
N LEU B 126 -16.79 27.23 3.57
CA LEU B 126 -16.54 27.42 2.14
C LEU B 126 -17.49 28.43 1.50
N GLU B 127 -18.72 28.49 1.99
CA GLU B 127 -19.73 29.35 1.39
C GLU B 127 -19.47 30.84 1.64
N LYS B 128 -18.48 31.15 2.48
CA LYS B 128 -18.03 32.53 2.64
C LYS B 128 -17.24 32.98 1.41
N ILE B 129 -16.79 32.02 0.63
CA ILE B 129 -16.04 32.30 -0.59
C ILE B 129 -16.95 32.28 -1.82
N ALA B 130 -17.77 31.25 -1.90
CA ALA B 130 -18.64 31.03 -3.06
C ALA B 130 -19.71 30.01 -2.72
N PRO B 131 -20.80 29.97 -3.50
CA PRO B 131 -21.78 28.89 -3.34
C PRO B 131 -21.11 27.53 -3.41
N THR B 132 -21.42 26.67 -2.44
CA THR B 132 -20.75 25.39 -2.32
C THR B 132 -21.74 24.22 -2.39
N VAL B 133 -21.58 23.39 -3.42
CA VAL B 133 -22.43 22.23 -3.60
C VAL B 133 -21.69 20.93 -3.31
N PHE B 134 -22.11 20.25 -2.25
CA PHE B 134 -21.66 18.89 -1.96
C PHE B 134 -22.80 17.91 -2.14
N PHE B 135 -22.47 16.68 -2.49
CA PHE B 135 -23.43 15.59 -2.52
C PHE B 135 -22.87 14.39 -1.77
N ASP B 136 -23.71 13.75 -0.96
CA ASP B 136 -23.29 12.56 -0.23
C ASP B 136 -23.44 11.33 -1.11
N PHE B 137 -22.62 10.33 -0.86
CA PHE B 137 -22.78 9.04 -1.50
C PHE B 137 -22.44 7.93 -0.51
N ASP B 138 -23.02 6.76 -0.73
CA ASP B 138 -22.91 5.66 0.20
C ASP B 138 -22.38 4.43 -0.51
N GLY B 139 -21.64 3.59 0.22
CA GLY B 139 -21.13 2.35 -0.34
C GLY B 139 -20.07 2.55 -1.41
N ALA B 140 -19.79 1.48 -2.14
CA ALA B 140 -18.73 1.51 -3.14
C ALA B 140 -19.25 1.13 -4.54
N GLY B 141 -20.58 1.14 -4.69
CA GLY B 141 -21.20 0.75 -5.94
C GLY B 141 -21.87 1.91 -6.70
N SER B 142 -23.17 1.76 -6.97
CA SER B 142 -23.86 2.73 -7.83
C SER B 142 -23.91 4.13 -7.22
N GLY B 143 -23.72 4.22 -5.89
CA GLY B 143 -23.81 5.47 -5.19
C GLY B 143 -22.88 6.55 -5.72
N LEU B 144 -21.70 6.14 -6.15
CA LEU B 144 -20.68 7.06 -6.64
C LEU B 144 -21.06 7.65 -7.99
N ARG B 145 -21.38 6.80 -8.96
CA ARG B 145 -21.68 7.27 -10.32
C ARG B 145 -23.01 8.04 -10.38
N ASN B 146 -23.87 7.81 -9.39
CA ASN B 146 -25.04 8.65 -9.23
C ASN B 146 -24.69 10.01 -8.63
N MET B 147 -23.75 10.01 -7.69
CA MET B 147 -23.33 11.24 -7.03
C MET B 147 -22.70 12.21 -8.02
N THR B 148 -21.87 11.69 -8.92
CA THR B 148 -21.21 12.53 -9.91
C THR B 148 -22.14 12.91 -11.04
N LEU B 149 -23.20 12.13 -11.24
CA LEU B 149 -24.29 12.51 -12.15
C LEU B 149 -24.94 13.80 -11.68
N GLU B 150 -25.17 13.89 -10.37
CA GLU B 150 -25.76 15.09 -9.77
C GLU B 150 -24.83 16.31 -9.86
N LEU B 151 -23.53 16.09 -9.71
CA LEU B 151 -22.56 17.17 -9.82
C LEU B 151 -22.48 17.68 -11.24
N SER B 152 -22.57 16.76 -12.20
CA SER B 152 -22.56 17.11 -13.62
C SER B 152 -23.75 17.99 -13.99
N ARG B 153 -24.93 17.70 -13.43
CA ARG B 153 -26.10 18.53 -13.64
C ARG B 153 -25.87 19.94 -13.12
N VAL B 154 -25.42 20.03 -11.87
CA VAL B 154 -25.14 21.30 -11.21
C VAL B 154 -24.18 22.19 -12.00
N VAL B 155 -23.11 21.62 -12.55
CA VAL B 155 -22.17 22.43 -13.31
C VAL B 155 -22.66 22.63 -14.75
N GLY B 156 -23.86 22.16 -15.03
CA GLY B 156 -24.51 22.43 -16.31
C GLY B 156 -24.31 21.42 -17.41
N ASP B 157 -23.90 20.21 -17.05
CA ASP B 157 -23.55 19.18 -18.04
C ASP B 157 -24.47 17.97 -17.91
N GLY B 158 -25.68 18.21 -17.45
CA GLY B 158 -26.63 17.14 -17.19
C GLY B 158 -27.07 16.33 -18.39
N GLU B 159 -26.93 16.89 -19.59
CA GLU B 159 -27.38 16.21 -20.80
C GLU B 159 -26.52 14.97 -21.10
N ARG B 160 -25.22 15.20 -21.32
CA ARG B 160 -24.30 14.09 -21.57
C ARG B 160 -24.33 13.09 -20.42
N ALA B 161 -24.44 13.60 -19.20
CA ALA B 161 -24.40 12.79 -17.99
C ALA B 161 -25.62 11.89 -17.85
N GLU B 162 -26.80 12.43 -18.15
CA GLU B 162 -28.01 11.63 -18.12
C GLU B 162 -28.03 10.65 -19.29
N ALA B 163 -27.48 11.07 -20.41
CA ALA B 163 -27.35 10.18 -21.55
C ALA B 163 -26.49 8.98 -21.19
N GLU B 164 -25.34 9.23 -20.57
CA GLU B 164 -24.47 8.14 -20.14
C GLU B 164 -25.18 7.13 -19.22
N GLN B 165 -25.95 7.64 -18.25
CA GLN B 165 -26.69 6.79 -17.34
C GLN B 165 -27.66 5.87 -18.07
N GLN B 166 -28.40 6.42 -19.03
CA GLN B 166 -29.34 5.63 -19.81
C GLN B 166 -28.61 4.60 -20.68
N ARG B 167 -27.52 5.05 -21.30
CA ARG B 167 -26.66 4.17 -22.09
C ARG B 167 -26.13 2.99 -21.28
N PHE B 168 -25.73 3.25 -20.04
CA PHE B 168 -25.27 2.18 -19.16
C PHE B 168 -26.38 1.17 -18.95
N GLU B 169 -27.57 1.66 -18.62
CA GLU B 169 -28.72 0.79 -18.35
C GLU B 169 -29.16 0.00 -19.59
N GLU B 170 -28.99 0.59 -20.77
CA GLU B 170 -29.31 -0.10 -22.00
C GLU B 170 -28.30 -1.20 -22.29
N ARG B 171 -27.02 -0.83 -22.21
CA ARG B 171 -25.93 -1.75 -22.48
C ARG B 171 -25.95 -2.97 -21.56
N VAL B 172 -26.35 -2.77 -20.30
CA VAL B 172 -26.45 -3.89 -19.37
C VAL B 172 -27.53 -4.86 -19.82
N GLU B 173 -28.66 -4.31 -20.24
CA GLU B 173 -29.77 -5.10 -20.77
C GLU B 173 -29.33 -5.87 -22.02
N GLU B 174 -28.76 -5.14 -22.97
CA GLU B 174 -28.30 -5.71 -24.23
C GLU B 174 -27.23 -6.79 -24.03
N ILE B 175 -26.22 -6.50 -23.21
CA ILE B 175 -25.13 -7.45 -22.97
C ILE B 175 -25.61 -8.72 -22.27
N SER B 176 -26.49 -8.57 -21.29
CA SER B 176 -26.91 -9.70 -20.47
C SER B 176 -27.69 -10.75 -21.27
N THR B 177 -28.37 -10.32 -22.33
CA THR B 177 -29.14 -11.25 -23.15
C THR B 177 -28.34 -11.72 -24.38
N ALA B 178 -27.45 -10.88 -24.87
CA ALA B 178 -26.62 -11.23 -26.03
C ALA B 178 -25.59 -12.30 -25.69
N TYR B 179 -25.14 -12.31 -24.43
CA TYR B 179 -24.20 -13.33 -23.97
C TYR B 179 -24.76 -14.09 -22.78
N ALA B 180 -26.06 -14.33 -22.79
CA ALA B 180 -26.74 -14.96 -21.65
C ALA B 180 -26.18 -16.33 -21.32
N ASP B 181 -25.60 -16.99 -22.32
CA ASP B 181 -24.99 -18.30 -22.13
C ASP B 181 -23.69 -18.18 -21.34
N GLN B 182 -22.79 -17.35 -21.83
CA GLN B 182 -21.47 -17.18 -21.20
C GLN B 182 -21.60 -16.67 -19.78
N LEU B 183 -22.56 -15.77 -19.55
CA LEU B 183 -22.76 -15.22 -18.21
C LEU B 183 -23.31 -16.29 -17.27
N ALA B 184 -23.95 -17.31 -17.84
CA ALA B 184 -24.60 -18.34 -17.04
C ALA B 184 -23.64 -19.43 -16.58
N ASP B 185 -22.54 -19.63 -17.30
CA ASP B 185 -21.66 -20.76 -17.02
C ASP B 185 -20.22 -20.35 -16.72
N THR B 186 -19.98 -19.05 -16.62
CA THR B 186 -18.64 -18.56 -16.31
C THR B 186 -18.57 -17.90 -14.95
N THR B 187 -17.53 -18.24 -14.20
CA THR B 187 -17.31 -17.65 -12.89
C THR B 187 -16.17 -16.63 -12.94
N PHE B 188 -16.50 -15.38 -12.67
CA PHE B 188 -15.53 -14.29 -12.71
C PHE B 188 -14.93 -14.01 -11.33
N ALA B 189 -13.81 -13.33 -11.33
CA ALA B 189 -13.22 -12.84 -10.09
C ALA B 189 -12.45 -11.55 -10.36
N LEU B 190 -12.58 -10.59 -9.45
CA LEU B 190 -11.79 -9.36 -9.55
C LEU B 190 -10.81 -9.25 -8.40
N VAL B 191 -9.53 -9.09 -8.73
CA VAL B 191 -8.50 -8.97 -7.70
C VAL B 191 -7.64 -7.73 -7.85
N PHE B 192 -7.22 -7.18 -6.72
CA PHE B 192 -6.09 -6.28 -6.71
C PHE B 192 -5.15 -6.76 -5.61
N GLY B 193 -3.90 -6.32 -5.66
CA GLY B 193 -2.91 -6.75 -4.69
C GLY B 193 -2.56 -5.66 -3.69
N VAL B 194 -2.27 -6.07 -2.46
CA VAL B 194 -1.70 -5.16 -1.48
C VAL B 194 -0.34 -5.70 -1.02
N ASP B 195 0.17 -5.16 0.08
CA ASP B 195 1.49 -5.51 0.61
C ASP B 195 1.45 -6.81 1.40
N GLY B 196 1.94 -7.89 0.80
CA GLY B 196 2.01 -9.17 1.48
C GLY B 196 0.72 -9.95 1.38
N GLU B 197 -0.29 -9.31 0.83
CA GLU B 197 -1.60 -9.94 0.66
C GLU B 197 -2.22 -9.49 -0.65
N PHE B 198 -3.36 -10.07 -0.99
CA PHE B 198 -4.12 -9.62 -2.14
C PHE B 198 -5.59 -9.59 -1.78
N ALA B 199 -6.42 -8.99 -2.63
CA ALA B 199 -7.84 -8.87 -2.35
C ALA B 199 -8.73 -9.44 -3.45
N VAL B 200 -9.90 -9.90 -3.06
CA VAL B 200 -10.92 -10.33 -4.02
C VAL B 200 -12.18 -9.47 -3.85
N VAL B 201 -12.49 -8.67 -4.86
CA VAL B 201 -13.53 -7.65 -4.76
C VAL B 201 -14.93 -8.25 -4.67
N ASN B 202 -15.70 -7.73 -3.72
CA ASN B 202 -17.03 -8.23 -3.42
C ASN B 202 -18.08 -7.79 -4.44
N THR B 203 -19.29 -8.33 -4.31
CA THR B 203 -20.40 -8.03 -5.19
C THR B 203 -21.00 -6.64 -4.98
N ASN B 204 -20.56 -5.95 -3.94
CA ASN B 204 -21.14 -4.65 -3.59
C ASN B 204 -20.20 -3.47 -3.83
N ALA B 205 -19.13 -3.69 -4.58
CA ALA B 205 -18.07 -2.69 -4.69
C ALA B 205 -17.36 -2.69 -6.05
N TRP B 206 -17.15 -1.48 -6.56
CA TRP B 206 -16.37 -1.25 -7.79
C TRP B 206 -16.71 -2.19 -8.94
N GLY B 207 -15.69 -2.78 -9.56
CA GLY B 207 -15.89 -3.66 -10.69
C GLY B 207 -16.63 -4.94 -10.34
N GLY B 208 -16.69 -5.24 -9.05
CA GLY B 208 -17.43 -6.40 -8.58
C GLY B 208 -18.91 -6.08 -8.51
N GLU B 209 -19.21 -4.82 -8.23
CA GLU B 209 -20.59 -4.33 -8.23
C GLU B 209 -21.12 -4.36 -9.65
N ILE B 210 -20.35 -3.79 -10.57
CA ILE B 210 -20.74 -3.75 -11.97
C ILE B 210 -20.87 -5.16 -12.55
N LEU B 211 -19.95 -6.05 -12.22
CA LEU B 211 -20.04 -7.44 -12.68
C LEU B 211 -21.31 -8.11 -12.15
N HIS B 212 -21.67 -7.77 -10.93
CA HIS B 212 -22.86 -8.34 -10.30
C HIS B 212 -24.14 -7.80 -10.93
N THR B 213 -24.15 -6.50 -11.19
CA THR B 213 -25.29 -5.83 -11.79
C THR B 213 -25.56 -6.41 -13.19
N LEU B 214 -24.49 -6.82 -13.86
CA LEU B 214 -24.60 -7.46 -15.16
C LEU B 214 -25.27 -8.82 -15.05
N GLY B 215 -25.13 -9.46 -13.90
CA GLY B 215 -25.68 -10.79 -13.69
C GLY B 215 -24.63 -11.89 -13.73
N ALA B 216 -23.37 -11.50 -13.85
CA ALA B 216 -22.27 -12.47 -13.91
C ALA B 216 -22.13 -13.25 -12.60
N LYS B 217 -21.67 -14.49 -12.72
CA LYS B 217 -21.33 -15.28 -11.53
C LYS B 217 -19.93 -14.89 -11.06
N GLN B 218 -19.74 -14.84 -9.75
CA GLN B 218 -18.43 -14.50 -9.22
C GLN B 218 -17.95 -15.50 -8.18
N SER B 219 -16.62 -15.60 -8.06
CA SER B 219 -15.95 -16.62 -7.25
C SER B 219 -16.41 -16.67 -5.78
N LYS B 220 -16.13 -17.79 -5.14
CA LYS B 220 -16.52 -18.00 -3.75
C LYS B 220 -15.47 -17.43 -2.80
N ALA B 221 -14.42 -16.86 -3.38
CA ALA B 221 -13.44 -16.10 -2.61
C ALA B 221 -14.09 -14.83 -2.05
N GLN B 222 -15.23 -14.46 -2.64
CA GLN B 222 -15.98 -13.29 -2.21
C GLN B 222 -16.63 -13.49 -0.85
N GLN B 223 -17.04 -14.72 -0.56
CA GLN B 223 -17.88 -15.02 0.60
C GLN B 223 -17.42 -14.46 1.97
N PRO B 224 -16.11 -14.54 2.28
CA PRO B 224 -15.71 -13.98 3.59
C PRO B 224 -15.81 -12.45 3.68
N ALA B 225 -16.07 -11.77 2.57
CA ALA B 225 -16.14 -10.31 2.58
C ALA B 225 -17.37 -9.84 3.35
N GLY B 226 -18.47 -10.59 3.23
CA GLY B 226 -19.72 -10.20 3.84
C GLY B 226 -20.19 -8.87 3.29
N GLU B 227 -20.32 -7.87 4.17
CA GLU B 227 -20.73 -6.54 3.74
C GLU B 227 -19.52 -5.65 3.49
N ASN B 228 -18.32 -6.22 3.58
CA ASN B 228 -17.10 -5.48 3.26
C ASN B 228 -16.81 -5.53 1.77
N PHE B 229 -16.05 -4.54 1.30
CA PHE B 229 -15.87 -4.31 -0.13
C PHE B 229 -14.99 -5.36 -0.80
N ALA B 230 -14.10 -5.96 -0.02
CA ALA B 230 -13.22 -6.99 -0.54
C ALA B 230 -12.95 -8.04 0.52
N ALA B 231 -12.50 -9.21 0.08
CA ALA B 231 -12.01 -10.24 1.00
C ALA B 231 -10.51 -10.38 0.80
N PHE B 232 -9.75 -10.33 1.90
CA PHE B 232 -8.29 -10.39 1.81
C PHE B 232 -7.73 -11.78 2.04
N TYR B 233 -6.63 -12.10 1.36
CA TYR B 233 -5.99 -13.40 1.46
C TYR B 233 -4.47 -13.31 1.43
N SER B 234 -3.82 -14.28 2.05
CA SER B 234 -2.37 -14.40 1.94
C SER B 234 -2.05 -15.14 0.66
N TYR B 235 -0.79 -15.07 0.23
CA TYR B 235 -0.37 -15.69 -1.03
C TYR B 235 -0.55 -17.20 -1.03
N GLU B 236 -0.64 -17.78 0.16
CA GLU B 236 -0.87 -19.21 0.28
C GLU B 236 -2.32 -19.54 -0.09
N GLU B 237 -3.21 -18.58 0.12
CA GLU B 237 -4.63 -18.81 -0.12
C GLU B 237 -5.06 -18.43 -1.53
N ILE B 238 -4.11 -18.44 -2.45
CA ILE B 238 -4.39 -18.16 -3.86
C ILE B 238 -5.35 -19.21 -4.44
N ASP B 239 -5.27 -20.42 -3.90
CA ASP B 239 -6.09 -21.54 -4.37
C ASP B 239 -7.58 -21.32 -4.15
N GLU B 240 -7.95 -20.27 -3.43
CA GLU B 240 -9.35 -19.90 -3.26
C GLU B 240 -9.99 -19.53 -4.60
N LEU B 241 -9.16 -19.07 -5.54
CA LEU B 241 -9.63 -18.62 -6.85
C LEU B 241 -9.56 -19.72 -7.91
N SER B 242 -9.71 -20.98 -7.48
CA SER B 242 -9.60 -22.09 -8.41
C SER B 242 -10.92 -22.31 -9.15
N ASP B 243 -12.00 -21.75 -8.62
CA ASP B 243 -13.31 -21.85 -9.27
C ASP B 243 -13.48 -20.73 -10.29
N ALA B 244 -12.46 -19.89 -10.43
CA ALA B 244 -12.50 -18.78 -11.37
C ALA B 244 -12.11 -19.22 -12.78
N ASP B 245 -13.00 -18.98 -13.74
CA ASP B 245 -12.71 -19.31 -15.13
C ASP B 245 -12.07 -18.10 -15.81
N VAL B 246 -12.38 -16.92 -15.29
CA VAL B 246 -11.85 -15.66 -15.80
C VAL B 246 -11.46 -14.78 -14.63
N ILE B 247 -10.27 -14.19 -14.69
CA ILE B 247 -9.82 -13.30 -13.62
C ILE B 247 -9.50 -11.90 -14.16
N PHE B 248 -10.06 -10.89 -13.50
CA PHE B 248 -9.71 -9.51 -13.78
C PHE B 248 -8.77 -8.99 -12.70
N TYR B 249 -7.83 -8.13 -13.09
CA TYR B 249 -6.97 -7.48 -12.09
C TYR B 249 -6.95 -5.97 -12.34
N GLU B 250 -7.16 -5.20 -11.27
CA GLU B 250 -7.27 -3.76 -11.39
C GLU B 250 -5.98 -3.12 -11.88
N THR B 251 -6.13 -2.13 -12.75
CA THR B 251 -5.00 -1.37 -13.26
C THR B 251 -5.33 0.11 -13.13
N ASP B 252 -4.36 0.97 -13.41
CA ASP B 252 -4.63 2.40 -13.37
C ASP B 252 -5.29 2.82 -14.67
N ALA B 253 -5.46 4.12 -14.87
CA ALA B 253 -6.18 4.62 -16.04
C ALA B 253 -5.42 4.35 -17.34
N GLN B 254 -4.19 3.86 -17.22
CA GLN B 254 -3.40 3.54 -18.41
C GLN B 254 -3.09 2.04 -18.49
N GLU B 255 -3.97 1.23 -17.91
CA GLU B 255 -3.89 -0.23 -17.98
C GLU B 255 -2.63 -0.80 -17.31
N ASN B 256 -2.01 0.00 -16.44
CA ASN B 256 -0.85 -0.45 -15.68
C ASN B 256 -1.22 -0.95 -14.29
N PRO B 257 -0.86 -2.21 -13.98
CA PRO B 257 -1.01 -2.70 -12.61
C PRO B 257 -0.02 -2.01 -11.67
N ASP B 258 -0.39 -1.84 -10.40
CA ASP B 258 0.57 -1.31 -9.43
C ASP B 258 1.50 -2.44 -9.00
N PRO B 259 2.66 -2.11 -8.41
CA PRO B 259 3.63 -3.14 -8.05
C PRO B 259 3.02 -4.30 -7.26
N PHE B 260 2.12 -3.99 -6.33
CA PHE B 260 1.50 -5.01 -5.49
C PHE B 260 0.66 -5.98 -6.31
N THR B 261 -0.05 -5.45 -7.30
CA THR B 261 -0.84 -6.28 -8.19
C THR B 261 0.09 -7.10 -9.07
N GLU B 262 1.15 -6.46 -9.55
CA GLU B 262 2.18 -7.19 -10.30
C GLU B 262 2.83 -8.28 -9.45
N ALA B 263 3.08 -7.98 -8.19
CA ALA B 263 3.63 -8.97 -7.25
C ALA B 263 2.73 -10.19 -7.14
N LEU B 264 1.42 -9.95 -7.13
CA LEU B 264 0.44 -11.03 -7.06
C LEU B 264 0.53 -11.91 -8.30
N LEU B 265 0.70 -11.28 -9.45
CA LEU B 265 0.80 -12.00 -10.71
C LEU B 265 2.10 -12.81 -10.82
N GLU B 266 3.10 -12.42 -10.05
CA GLU B 266 4.41 -13.09 -10.11
C GLU B 266 4.45 -14.41 -9.34
N GLN B 267 3.75 -14.46 -8.21
CA GLN B 267 3.74 -15.63 -7.32
C GLN B 267 3.57 -16.93 -8.10
N LYS B 268 4.49 -17.87 -7.89
CA LYS B 268 4.47 -19.13 -8.63
C LYS B 268 3.16 -19.88 -8.38
N LEU B 269 2.62 -19.71 -7.18
CA LEU B 269 1.35 -20.33 -6.84
C LEU B 269 0.22 -19.75 -7.70
N TRP B 270 0.40 -18.53 -8.19
CA TRP B 270 -0.58 -17.91 -9.06
C TRP B 270 -0.62 -18.59 -10.42
N GLN B 271 0.55 -19.02 -10.90
CA GLN B 271 0.64 -19.62 -12.24
C GLN B 271 0.04 -21.03 -12.29
N SER B 272 -0.66 -21.43 -11.24
CA SER B 272 -1.27 -22.77 -11.17
C SER B 272 -2.80 -22.77 -11.24
N LEU B 273 -3.42 -21.59 -11.11
CA LEU B 273 -4.89 -21.44 -11.20
C LEU B 273 -5.44 -21.78 -12.60
N PRO B 274 -6.61 -22.43 -12.67
CA PRO B 274 -7.30 -22.79 -13.93
C PRO B 274 -7.38 -21.65 -14.94
N ALA B 275 -7.79 -20.46 -14.49
CA ALA B 275 -8.02 -19.33 -15.37
C ALA B 275 -6.71 -18.77 -15.95
N VAL B 276 -5.62 -18.94 -15.21
CA VAL B 276 -4.35 -18.39 -15.67
C VAL B 276 -3.71 -19.25 -16.74
N GLU B 277 -3.77 -20.55 -16.56
CA GLU B 277 -3.23 -21.45 -17.59
C GLU B 277 -4.28 -21.72 -18.69
N ALA B 278 -5.35 -20.95 -18.64
CA ALA B 278 -6.32 -20.90 -19.73
C ALA B 278 -6.10 -19.65 -20.58
N GLY B 279 -5.30 -18.73 -20.05
CA GLY B 279 -5.00 -17.48 -20.73
C GLY B 279 -6.14 -16.49 -20.59
N GLN B 280 -6.90 -16.61 -19.50
CA GLN B 280 -8.07 -15.76 -19.28
C GLN B 280 -7.90 -14.84 -18.07
N VAL B 281 -6.75 -14.20 -17.99
CA VAL B 281 -6.51 -13.18 -16.97
C VAL B 281 -6.30 -11.83 -17.65
N HIS B 282 -7.20 -10.89 -17.36
CA HIS B 282 -7.23 -9.64 -18.09
C HIS B 282 -7.10 -8.42 -17.18
N PRO B 283 -6.56 -7.33 -17.71
CA PRO B 283 -6.52 -6.05 -16.99
C PRO B 283 -7.89 -5.39 -16.95
N LEU B 284 -8.15 -4.58 -15.93
CA LEU B 284 -9.39 -3.83 -15.85
C LEU B 284 -9.16 -2.39 -15.42
N ARG B 285 -9.43 -1.46 -16.33
CA ARG B 285 -9.36 -0.04 -16.01
C ARG B 285 -10.65 0.43 -15.36
N TYR B 286 -10.56 1.49 -14.56
CA TYR B 286 -11.71 2.20 -14.02
C TYR B 286 -12.64 1.33 -13.20
N SER B 287 -12.09 0.32 -12.53
CA SER B 287 -12.86 -0.51 -11.60
C SER B 287 -13.65 0.36 -10.62
N ALA B 288 -13.04 1.45 -10.15
CA ALA B 288 -13.72 2.38 -9.25
C ALA B 288 -15.00 2.93 -9.87
N ALA B 289 -14.93 3.29 -11.15
CA ALA B 289 -16.08 3.81 -11.89
C ALA B 289 -16.72 4.99 -11.15
N ARG B 290 -16.12 6.16 -11.29
CA ARG B 290 -16.59 7.32 -10.55
C ARG B 290 -17.73 8.02 -11.26
N THR B 291 -17.92 7.68 -12.53
CA THR B 291 -18.99 8.22 -13.35
C THR B 291 -19.59 7.12 -14.22
N TYR B 292 -20.73 7.41 -14.85
CA TYR B 292 -21.34 6.45 -15.77
C TYR B 292 -20.47 6.27 -17.02
N ALA B 293 -19.83 7.36 -17.46
CA ALA B 293 -18.85 7.25 -18.55
C ALA B 293 -17.77 6.24 -18.23
N GLN B 294 -17.24 6.30 -17.01
CA GLN B 294 -16.22 5.33 -16.58
C GLN B 294 -16.84 3.94 -16.43
N ALA B 295 -18.05 3.89 -15.88
CA ALA B 295 -18.68 2.60 -15.62
C ALA B 295 -18.99 1.85 -16.92
N ASN B 296 -19.26 2.58 -18.00
CA ASN B 296 -19.44 1.95 -19.30
C ASN B 296 -18.13 1.38 -19.87
N ILE B 297 -17.03 2.10 -19.69
CA ILE B 297 -15.73 1.59 -20.07
C ILE B 297 -15.45 0.24 -19.40
N VAL B 298 -15.94 0.07 -18.18
CA VAL B 298 -15.90 -1.24 -17.53
C VAL B 298 -16.79 -2.25 -18.28
N LEU B 299 -18.01 -1.85 -18.63
CA LEU B 299 -18.89 -2.70 -19.42
C LEU B 299 -18.24 -3.13 -20.75
N ASP B 300 -17.49 -2.21 -21.36
CA ASP B 300 -16.84 -2.51 -22.63
C ASP B 300 -15.74 -3.56 -22.46
N GLN B 301 -15.02 -3.48 -21.35
CA GLN B 301 -13.97 -4.45 -21.08
C GLN B 301 -14.57 -5.82 -20.76
N ILE B 302 -15.64 -5.82 -19.97
CA ILE B 302 -16.33 -7.05 -19.63
C ILE B 302 -16.89 -7.72 -20.89
N GLU B 303 -17.34 -6.90 -21.84
CA GLU B 303 -17.92 -7.42 -23.07
C GLU B 303 -16.88 -8.09 -23.95
N GLU B 304 -15.73 -7.45 -24.12
CA GLU B 304 -14.68 -7.96 -25.00
C GLU B 304 -14.22 -9.35 -24.60
N VAL B 305 -14.12 -9.59 -23.30
CA VAL B 305 -13.72 -10.88 -22.78
C VAL B 305 -14.80 -11.92 -23.06
N LEU B 306 -16.06 -11.49 -22.99
CA LEU B 306 -17.19 -12.38 -23.26
C LEU B 306 -17.25 -12.80 -24.73
N LYS B 307 -16.55 -12.08 -25.60
CA LYS B 307 -16.53 -12.40 -27.02
C LYS B 307 -15.63 -13.60 -27.33
N GLY B 308 -14.58 -13.78 -26.53
CA GLY B 308 -13.68 -14.91 -26.71
C GLY B 308 -14.03 -16.03 -25.75
N LEU B 309 -15.26 -16.02 -25.29
CA LEU B 309 -15.70 -16.96 -24.27
C LEU B 309 -16.81 -17.88 -24.79
#